data_1ZGJ
#
_entry.id   1ZGJ
#
_cell.length_a   71.786
_cell.length_b   71.786
_cell.length_c   188.697
_cell.angle_alpha   90.00
_cell.angle_beta   90.00
_cell.angle_gamma   90.00
#
_symmetry.space_group_name_H-M   'P 43 2 2'
#
loop_
_entity.id
_entity.type
_entity.pdbx_description
1 polymer "Isoflavanone 4'-O-methyltransferase'"
2 non-polymer (6AR,12AR)-3-(HYDROXYMETHYL)-6H-[1,3]DIOXOLO[5,6][1]BENZOFURO[3,2-C]CHROMEN-6A(12AH)-OL
3 non-polymer S-ADENOSYL-L-HOMOCYSTEINE
4 water water
#
_entity_poly.entity_id   1
_entity_poly.type   'polypeptide(L)'
_entity_poly.pdbx_seq_one_letter_code
;SELYHAQIHLYKHVYNFVSSMALKSAMELGIADAIHNHGKPMTLSELASSLKLHPSKVNILHRFLRLLTHNGFFAKTIVK
GKEGDEEEEIAYSLTPPSKLLISGKPTCLSSIVKGALHPSSLDMWSSSKKWFNEDKEQTLFECATGESFWDFLNKDSESS
TLSMFQDAMASDSRMFKLVLQENKRVFEGLESLVDVGGGTGGVTKLIHEIFPHLKCTVFDQPQVVGNLTGNENLNFVGGD
MFKSIPSADAVLLKWVLHDWNDEQSLKILKNSKEAISHKGKDGKVIIIDISIDETSDDRGLTELQLDYDLVMLTMFLGKE
RTKQEWEKLIYDAGFSSYKITPISGFKSLIEVYP
;
_entity_poly.pdbx_strand_id   A
#
# COMPACT_ATOMS: atom_id res chain seq x y z
N SER A 1 -14.86 -31.08 -27.15
CA SER A 1 -14.54 -29.67 -26.77
C SER A 1 -14.59 -28.75 -27.99
N GLU A 2 -14.04 -27.56 -27.85
CA GLU A 2 -14.02 -26.57 -28.92
C GLU A 2 -13.23 -25.34 -28.48
N LEU A 3 -12.80 -25.35 -27.21
CA LEU A 3 -12.09 -24.21 -26.65
C LEU A 3 -13.05 -23.03 -26.72
N TYR A 4 -14.33 -23.36 -26.52
CA TYR A 4 -15.43 -22.40 -26.49
C TYR A 4 -15.60 -22.30 -24.96
N HIS A 5 -14.66 -22.98 -24.30
CA HIS A 5 -14.51 -23.05 -22.85
C HIS A 5 -13.68 -21.84 -22.45
N ALA A 6 -13.09 -21.20 -23.46
CA ALA A 6 -12.26 -20.01 -23.25
C ALA A 6 -13.11 -18.81 -22.85
N GLN A 7 -14.40 -18.88 -23.15
CA GLN A 7 -15.32 -17.82 -22.81
C GLN A 7 -15.33 -17.51 -21.32
N ILE A 8 -15.37 -18.56 -20.50
CA ILE A 8 -15.41 -18.42 -19.06
C ILE A 8 -14.27 -17.56 -18.52
N HIS A 9 -13.07 -17.80 -19.05
CA HIS A 9 -11.90 -17.05 -18.61
C HIS A 9 -11.97 -15.61 -19.10
N LEU A 10 -12.42 -15.44 -20.35
CA LEU A 10 -12.54 -14.12 -20.95
C LEU A 10 -13.48 -13.24 -20.14
N TYR A 11 -14.65 -13.77 -19.80
CA TYR A 11 -15.65 -13.03 -19.05
C TYR A 11 -15.28 -12.70 -17.62
N LYS A 12 -14.60 -13.62 -16.92
CA LYS A 12 -14.20 -13.35 -15.54
C LYS A 12 -13.40 -12.06 -15.50
N HIS A 13 -12.51 -11.86 -16.46
CA HIS A 13 -11.69 -10.66 -16.50
C HIS A 13 -12.46 -9.43 -16.94
N VAL A 14 -13.42 -9.61 -17.84
CA VAL A 14 -14.22 -8.50 -18.32
C VAL A 14 -14.98 -7.85 -17.18
N TYR A 15 -15.61 -8.70 -16.37
CA TYR A 15 -16.44 -8.27 -15.26
C TYR A 15 -15.80 -8.21 -13.90
N ASN A 16 -14.48 -8.37 -13.87
CA ASN A 16 -13.76 -8.32 -12.61
C ASN A 16 -13.95 -6.97 -11.91
N PHE A 17 -14.04 -5.90 -12.69
CA PHE A 17 -14.19 -4.56 -12.13
C PHE A 17 -15.38 -4.44 -11.19
N VAL A 18 -16.42 -5.23 -11.43
CA VAL A 18 -17.62 -5.17 -10.59
C VAL A 18 -17.30 -5.46 -9.14
N SER A 19 -16.38 -6.37 -8.89
CA SER A 19 -16.02 -6.67 -7.52
C SER A 19 -15.33 -5.47 -6.85
N SER A 20 -14.56 -4.71 -7.61
CA SER A 20 -13.90 -3.54 -7.05
C SER A 20 -14.97 -2.48 -6.69
N MET A 21 -15.91 -2.24 -7.60
CA MET A 21 -16.93 -1.25 -7.33
C MET A 21 -17.77 -1.66 -6.12
N ALA A 22 -17.98 -2.96 -5.96
CA ALA A 22 -18.77 -3.46 -4.82
C ALA A 22 -18.05 -3.19 -3.50
N LEU A 23 -16.74 -3.41 -3.48
CA LEU A 23 -15.99 -3.14 -2.26
C LEU A 23 -16.10 -1.65 -1.98
N LYS A 24 -15.89 -0.85 -3.04
CA LYS A 24 -15.96 0.59 -2.94
C LYS A 24 -17.25 1.05 -2.26
N SER A 25 -18.37 0.45 -2.68
CA SER A 25 -19.68 0.78 -2.13
C SER A 25 -19.78 0.40 -0.66
N ALA A 26 -19.23 -0.76 -0.33
CA ALA A 26 -19.24 -1.24 1.04
C ALA A 26 -18.57 -0.23 1.97
N MET A 27 -17.43 0.31 1.57
CA MET A 27 -16.72 1.25 2.42
C MET A 27 -17.40 2.60 2.51
N GLU A 28 -17.87 3.12 1.38
CA GLU A 28 -18.55 4.41 1.40
C GLU A 28 -19.86 4.35 2.18
N LEU A 29 -20.49 3.19 2.23
CA LEU A 29 -21.74 3.05 2.96
C LEU A 29 -21.46 2.94 4.46
N GLY A 30 -20.22 2.59 4.80
CA GLY A 30 -19.85 2.44 6.19
C GLY A 30 -20.39 1.18 6.84
N ILE A 31 -20.67 0.16 6.02
CA ILE A 31 -21.21 -1.09 6.54
C ILE A 31 -20.39 -1.66 7.69
N ALA A 32 -19.07 -1.73 7.51
CA ALA A 32 -18.18 -2.25 8.54
C ALA A 32 -18.43 -1.54 9.85
N ASP A 33 -18.44 -0.22 9.80
CA ASP A 33 -18.67 0.58 11.00
C ASP A 33 -20.04 0.29 11.61
N ALA A 34 -21.04 0.11 10.76
CA ALA A 34 -22.38 -0.15 11.26
C ALA A 34 -22.41 -1.44 12.07
N ILE A 35 -21.90 -2.52 11.48
CA ILE A 35 -21.88 -3.81 12.16
C ILE A 35 -20.98 -3.79 13.39
N HIS A 36 -19.78 -3.25 13.25
CA HIS A 36 -18.88 -3.19 14.39
C HIS A 36 -19.53 -2.44 15.56
N ASN A 37 -20.12 -1.28 15.29
CA ASN A 37 -20.77 -0.50 16.36
C ASN A 37 -21.92 -1.25 16.98
N HIS A 38 -22.57 -2.08 16.19
CA HIS A 38 -23.70 -2.87 16.64
C HIS A 38 -23.24 -3.90 17.66
N GLY A 39 -22.00 -4.38 17.51
CA GLY A 39 -21.45 -5.33 18.45
C GLY A 39 -21.78 -6.80 18.27
N LYS A 40 -22.58 -7.12 17.26
CA LYS A 40 -22.95 -8.51 17.00
C LYS A 40 -23.57 -8.64 15.62
N PRO A 41 -23.62 -9.87 15.08
CA PRO A 41 -24.20 -10.07 13.75
C PRO A 41 -25.44 -9.19 13.53
N MET A 42 -25.49 -8.57 12.35
CA MET A 42 -26.57 -7.66 12.02
C MET A 42 -27.45 -8.16 10.90
N THR A 43 -28.75 -7.94 11.07
CA THR A 43 -29.73 -8.37 10.09
C THR A 43 -29.87 -7.33 8.96
N LEU A 44 -30.31 -7.77 7.80
CA LEU A 44 -30.51 -6.87 6.66
C LEU A 44 -31.32 -5.67 7.08
N SER A 45 -32.43 -5.93 7.75
CA SER A 45 -33.31 -4.86 8.23
C SER A 45 -32.53 -3.91 9.11
N GLU A 46 -31.97 -4.45 10.19
CA GLU A 46 -31.22 -3.64 11.15
C GLU A 46 -30.17 -2.81 10.47
N LEU A 47 -29.46 -3.41 9.53
CA LEU A 47 -28.41 -2.71 8.79
C LEU A 47 -29.00 -1.62 7.92
N ALA A 48 -30.10 -1.92 7.23
CA ALA A 48 -30.75 -0.94 6.38
C ALA A 48 -31.19 0.25 7.23
N SER A 49 -31.63 -0.08 8.44
CA SER A 49 -32.09 0.94 9.37
C SER A 49 -30.92 1.77 9.85
N SER A 50 -29.79 1.12 10.11
CA SER A 50 -28.61 1.84 10.58
C SER A 50 -28.12 2.80 9.50
N LEU A 51 -28.13 2.36 8.25
CA LEU A 51 -27.68 3.20 7.15
C LEU A 51 -28.77 4.21 6.79
N LYS A 52 -29.96 4.04 7.36
CA LYS A 52 -31.07 4.95 7.12
C LYS A 52 -31.40 4.97 5.65
N LEU A 53 -31.45 3.81 5.04
CA LEU A 53 -31.76 3.69 3.63
C LEU A 53 -33.23 3.87 3.38
N HIS A 54 -33.56 4.37 2.18
CA HIS A 54 -34.94 4.51 1.79
C HIS A 54 -35.41 3.08 1.55
N PRO A 55 -36.68 2.78 1.79
CA PRO A 55 -37.19 1.42 1.58
C PRO A 55 -36.82 0.79 0.23
N SER A 56 -36.76 1.59 -0.81
CA SER A 56 -36.45 1.08 -2.14
C SER A 56 -34.98 0.69 -2.32
N LYS A 57 -34.13 1.16 -1.43
CA LYS A 57 -32.70 0.86 -1.54
C LYS A 57 -32.29 -0.38 -0.76
N VAL A 58 -33.22 -0.94 0.00
CA VAL A 58 -32.93 -2.11 0.81
C VAL A 58 -32.51 -3.33 0.02
N ASN A 59 -33.19 -3.60 -1.11
CA ASN A 59 -32.86 -4.77 -1.92
C ASN A 59 -31.55 -4.57 -2.66
N ILE A 60 -31.19 -3.33 -2.92
CA ILE A 60 -29.90 -3.07 -3.56
C ILE A 60 -28.86 -3.42 -2.49
N LEU A 61 -29.11 -3.01 -1.26
CA LEU A 61 -28.21 -3.31 -0.16
C LEU A 61 -28.05 -4.83 -0.08
N HIS A 62 -29.14 -5.55 -0.26
CA HIS A 62 -29.12 -7.01 -0.21
C HIS A 62 -28.21 -7.57 -1.29
N ARG A 63 -28.44 -7.12 -2.52
CA ARG A 63 -27.63 -7.54 -3.66
C ARG A 63 -26.14 -7.36 -3.43
N PHE A 64 -25.73 -6.16 -3.03
CA PHE A 64 -24.31 -5.92 -2.80
C PHE A 64 -23.76 -6.84 -1.71
N LEU A 65 -24.57 -7.08 -0.68
CA LEU A 65 -24.18 -7.94 0.43
C LEU A 65 -23.89 -9.37 -0.03
N ARG A 66 -24.77 -9.92 -0.87
CA ARG A 66 -24.60 -11.28 -1.37
C ARG A 66 -23.27 -11.42 -2.11
N LEU A 67 -23.01 -10.49 -3.03
CA LEU A 67 -21.76 -10.52 -3.77
C LEU A 67 -20.57 -10.36 -2.83
N LEU A 68 -20.68 -9.44 -1.87
CA LEU A 68 -19.58 -9.22 -0.93
C LEU A 68 -19.36 -10.39 0.02
N THR A 69 -20.43 -11.12 0.35
CA THR A 69 -20.30 -12.26 1.24
C THR A 69 -19.58 -13.36 0.46
N HIS A 70 -20.00 -13.58 -0.78
CA HIS A 70 -19.38 -14.60 -1.59
C HIS A 70 -17.90 -14.27 -1.82
N ASN A 71 -17.56 -12.99 -1.77
CA ASN A 71 -16.18 -12.55 -1.97
C ASN A 71 -15.40 -12.52 -0.66
N GLY A 72 -16.01 -12.97 0.42
CA GLY A 72 -15.31 -13.04 1.68
C GLY A 72 -15.24 -11.83 2.58
N PHE A 73 -16.04 -10.81 2.31
CA PHE A 73 -16.02 -9.63 3.17
C PHE A 73 -17.08 -9.68 4.27
N PHE A 74 -17.89 -10.73 4.25
CA PHE A 74 -18.93 -10.91 5.26
C PHE A 74 -19.20 -12.40 5.41
N ALA A 75 -19.76 -12.77 6.54
CA ALA A 75 -20.10 -14.18 6.79
C ALA A 75 -21.56 -14.24 7.17
N LYS A 76 -22.29 -15.14 6.53
CA LYS A 76 -23.72 -15.32 6.79
C LYS A 76 -23.92 -16.14 8.03
N THR A 77 -24.95 -15.79 8.78
CA THR A 77 -25.32 -16.47 10.02
C THR A 77 -26.84 -16.43 10.09
N ILE A 78 -27.43 -17.48 10.64
CA ILE A 78 -28.89 -17.53 10.78
C ILE A 78 -29.20 -17.25 12.24
N VAL A 79 -30.04 -16.25 12.51
CA VAL A 79 -30.36 -15.93 13.89
C VAL A 79 -31.83 -16.02 14.23
N LYS A 80 -32.09 -16.28 15.52
CA LYS A 80 -33.42 -16.42 16.08
C LYS A 80 -34.55 -15.96 15.16
N GLY A 81 -34.71 -14.65 15.05
CA GLY A 81 -35.76 -14.10 14.20
C GLY A 81 -36.42 -12.88 14.83
N LYS A 82 -36.90 -11.98 13.98
CA LYS A 82 -37.55 -10.75 14.44
C LYS A 82 -38.47 -11.01 15.63
N GLU A 83 -38.13 -10.38 16.76
CA GLU A 83 -38.89 -10.55 18.01
C GLU A 83 -40.40 -10.60 17.89
N GLY A 84 -41.13 -10.99 18.92
CA GLY A 84 -42.54 -11.21 18.62
C GLY A 84 -42.17 -12.50 17.91
N ASP A 85 -42.13 -13.55 18.72
CA ASP A 85 -41.42 -14.79 18.34
C ASP A 85 -41.00 -15.16 16.88
N GLU A 86 -39.69 -15.62 16.95
CA GLU A 86 -38.66 -15.99 15.93
C GLU A 86 -39.21 -16.48 14.54
N GLU A 87 -38.64 -16.00 13.35
CA GLU A 87 -38.91 -16.53 11.88
C GLU A 87 -37.45 -16.86 11.57
N GLU A 88 -36.98 -17.54 10.51
CA GLU A 88 -35.51 -17.61 10.52
C GLU A 88 -34.93 -16.39 9.82
N GLU A 89 -33.84 -15.75 10.27
CA GLU A 89 -33.35 -14.60 9.48
C GLU A 89 -31.85 -14.54 9.37
N ILE A 90 -31.35 -14.03 8.25
CA ILE A 90 -29.92 -13.91 8.02
C ILE A 90 -29.28 -12.71 8.73
N ALA A 91 -28.07 -12.91 9.25
CA ALA A 91 -27.33 -11.88 9.94
C ALA A 91 -25.93 -11.85 9.36
N TYR A 92 -25.36 -10.65 9.23
CA TYR A 92 -24.04 -10.51 8.65
C TYR A 92 -22.98 -10.13 9.68
N SER A 93 -21.81 -10.76 9.54
CA SER A 93 -20.68 -10.50 10.42
C SER A 93 -19.49 -10.02 9.63
N LEU A 94 -18.61 -9.28 10.29
CA LEU A 94 -17.42 -8.82 9.63
C LEU A 94 -16.46 -10.00 9.56
N THR A 95 -15.51 -9.92 8.64
CA THR A 95 -14.48 -10.94 8.49
C THR A 95 -13.16 -10.15 8.58
N PRO A 96 -12.02 -10.84 8.70
CA PRO A 96 -10.77 -10.09 8.79
C PRO A 96 -10.65 -8.99 7.71
N PRO A 97 -10.88 -9.34 6.43
CA PRO A 97 -10.79 -8.33 5.37
C PRO A 97 -11.62 -7.06 5.60
N SER A 98 -12.87 -7.21 6.03
CA SER A 98 -13.69 -6.03 6.26
C SER A 98 -13.36 -5.31 7.57
N LYS A 99 -12.71 -5.98 8.51
CA LYS A 99 -12.37 -5.29 9.75
C LYS A 99 -11.37 -4.18 9.42
N LEU A 100 -10.77 -4.28 8.23
CA LEU A 100 -9.82 -3.28 7.76
C LEU A 100 -10.55 -2.02 7.35
N LEU A 101 -11.87 -2.11 7.29
CA LEU A 101 -12.70 -0.98 6.90
C LEU A 101 -13.34 -0.25 8.08
N ILE A 102 -13.05 -0.70 9.30
CA ILE A 102 -13.59 -0.04 10.49
C ILE A 102 -12.84 1.27 10.73
N SER A 103 -13.55 2.38 10.69
CA SER A 103 -12.92 3.69 10.89
C SER A 103 -12.41 3.88 12.32
N GLY A 104 -11.58 4.90 12.49
CA GLY A 104 -11.04 5.20 13.80
C GLY A 104 -9.94 4.27 14.28
N LYS A 105 -9.77 3.12 13.63
CA LYS A 105 -8.73 2.20 14.06
C LYS A 105 -7.44 2.45 13.27
N PRO A 106 -6.29 2.07 13.85
CA PRO A 106 -4.97 2.24 13.24
C PRO A 106 -4.80 1.41 11.99
N THR A 107 -5.62 0.37 11.87
CA THR A 107 -5.56 -0.54 10.73
C THR A 107 -6.49 -0.16 9.56
N CYS A 108 -7.28 0.89 9.74
CA CYS A 108 -8.22 1.32 8.71
C CYS A 108 -7.55 1.62 7.37
N LEU A 109 -8.03 1.00 6.30
CA LEU A 109 -7.48 1.23 4.98
C LEU A 109 -8.54 1.88 4.08
N SER A 110 -9.65 2.31 4.69
CA SER A 110 -10.75 2.93 3.96
C SER A 110 -10.31 4.04 3.00
N SER A 111 -9.41 4.90 3.47
CA SER A 111 -8.91 6.02 2.67
C SER A 111 -8.19 5.54 1.41
N ILE A 112 -7.26 4.60 1.57
CA ILE A 112 -6.54 4.08 0.43
C ILE A 112 -7.54 3.44 -0.53
N VAL A 113 -8.58 2.82 0.02
CA VAL A 113 -9.57 2.20 -0.83
C VAL A 113 -10.32 3.29 -1.59
N LYS A 114 -10.72 4.34 -0.87
CA LYS A 114 -11.46 5.43 -1.48
C LYS A 114 -10.67 6.14 -2.58
N GLY A 115 -9.39 6.38 -2.34
CA GLY A 115 -8.56 7.04 -3.32
C GLY A 115 -8.26 6.18 -4.53
N ALA A 116 -7.89 4.93 -4.29
CA ALA A 116 -7.56 4.02 -5.37
C ALA A 116 -8.71 3.81 -6.31
N LEU A 117 -9.93 3.94 -5.78
CA LEU A 117 -11.14 3.74 -6.58
C LEU A 117 -11.94 5.02 -6.81
N HIS A 118 -11.25 6.15 -6.78
CA HIS A 118 -11.86 7.46 -6.98
C HIS A 118 -12.02 7.76 -8.47
N PRO A 119 -13.00 8.59 -8.84
CA PRO A 119 -13.16 8.89 -10.27
C PRO A 119 -11.88 9.42 -10.92
N SER A 120 -11.09 10.16 -10.16
CA SER A 120 -9.86 10.72 -10.70
C SER A 120 -8.84 9.63 -11.03
N SER A 121 -9.09 8.41 -10.54
CA SER A 121 -8.20 7.29 -10.80
C SER A 121 -8.77 6.39 -11.89
N LEU A 122 -10.09 6.41 -12.03
CA LEU A 122 -10.74 5.53 -12.98
C LEU A 122 -11.18 6.12 -14.32
N ASP A 123 -11.82 7.29 -14.29
CA ASP A 123 -12.32 7.89 -15.53
C ASP A 123 -11.32 8.00 -16.67
N MET A 124 -10.04 8.15 -16.35
CA MET A 124 -9.03 8.29 -17.39
C MET A 124 -8.89 7.12 -18.36
N TRP A 125 -9.37 5.93 -17.98
CA TRP A 125 -9.23 4.79 -18.88
C TRP A 125 -9.97 4.91 -20.20
N SER A 126 -10.91 5.84 -20.30
CA SER A 126 -11.65 6.01 -21.54
C SER A 126 -10.71 6.56 -22.62
N SER A 127 -9.52 7.03 -22.22
CA SER A 127 -8.57 7.56 -23.19
C SER A 127 -7.45 6.57 -23.47
N SER A 128 -7.60 5.34 -23.00
CA SER A 128 -6.55 4.34 -23.20
C SER A 128 -6.16 4.14 -24.67
N LYS A 129 -7.11 4.17 -25.58
CA LYS A 129 -6.78 3.97 -26.99
C LYS A 129 -6.03 5.16 -27.57
N LYS A 130 -6.53 6.36 -27.32
CA LYS A 130 -5.87 7.57 -27.81
C LYS A 130 -4.45 7.63 -27.26
N TRP A 131 -4.29 7.17 -26.02
CA TRP A 131 -3.01 7.19 -25.32
C TRP A 131 -1.97 6.30 -26.00
N PHE A 132 -2.39 5.13 -26.44
CA PHE A 132 -1.49 4.21 -27.12
C PHE A 132 -1.06 4.71 -28.50
N ASN A 133 -1.98 5.33 -29.22
CA ASN A 133 -1.71 5.80 -30.59
C ASN A 133 -1.27 7.25 -30.81
N GLU A 134 -1.00 7.99 -29.74
CA GLU A 134 -0.54 9.38 -29.89
C GLU A 134 0.99 9.43 -29.93
N ASP A 135 1.56 10.58 -30.26
CA ASP A 135 3.01 10.68 -30.31
C ASP A 135 3.61 11.36 -29.09
N LYS A 136 2.75 11.79 -28.18
CA LYS A 136 3.24 12.47 -26.99
C LYS A 136 3.51 11.51 -25.82
N GLU A 137 4.68 11.64 -25.22
CA GLU A 137 5.04 10.80 -24.09
C GLU A 137 4.45 11.46 -22.87
N GLN A 138 3.48 10.79 -22.24
CA GLN A 138 2.83 11.34 -21.06
C GLN A 138 2.08 10.22 -20.35
N THR A 139 1.53 10.52 -19.19
CA THR A 139 0.77 9.53 -18.44
C THR A 139 -0.64 9.45 -19.03
N LEU A 140 -1.36 8.38 -18.69
CA LEU A 140 -2.71 8.24 -19.19
C LEU A 140 -3.59 9.36 -18.64
N PHE A 141 -3.22 9.85 -17.45
CA PHE A 141 -3.98 10.91 -16.81
C PHE A 141 -3.78 12.23 -17.54
N GLU A 142 -2.57 12.50 -17.99
CA GLU A 142 -2.28 13.74 -18.72
C GLU A 142 -2.98 13.69 -20.08
N CYS A 143 -2.91 12.53 -20.72
CA CYS A 143 -3.53 12.35 -22.03
C CYS A 143 -5.06 12.55 -21.93
N ALA A 144 -5.63 12.17 -20.80
CA ALA A 144 -7.07 12.27 -20.60
C ALA A 144 -7.58 13.59 -20.06
N THR A 145 -6.81 14.25 -19.20
CA THR A 145 -7.28 15.50 -18.62
C THR A 145 -6.61 16.76 -19.14
N GLY A 146 -5.39 16.63 -19.64
CA GLY A 146 -4.68 17.79 -20.12
C GLY A 146 -3.76 18.39 -19.07
N GLU A 147 -3.62 17.70 -17.94
CA GLU A 147 -2.75 18.16 -16.85
C GLU A 147 -2.31 16.96 -16.03
N SER A 148 -1.13 17.08 -15.40
CA SER A 148 -0.59 16.01 -14.58
C SER A 148 -1.44 15.79 -13.34
N PHE A 149 -1.35 14.59 -12.76
CA PHE A 149 -2.12 14.28 -11.58
C PHE A 149 -1.84 15.28 -10.48
N TRP A 150 -0.56 15.60 -10.29
CA TRP A 150 -0.15 16.54 -9.26
C TRP A 150 -0.84 17.89 -9.45
N ASP A 151 -0.83 18.43 -10.67
CA ASP A 151 -1.46 19.71 -10.93
C ASP A 151 -2.94 19.68 -10.66
N PHE A 152 -3.60 18.61 -11.10
CA PHE A 152 -5.03 18.42 -10.91
C PHE A 152 -5.42 18.58 -9.44
N LEU A 153 -4.73 17.87 -8.56
CA LEU A 153 -5.01 17.92 -7.13
C LEU A 153 -4.86 19.31 -6.54
N ASN A 154 -3.84 20.04 -6.98
CA ASN A 154 -3.55 21.37 -6.47
C ASN A 154 -4.52 22.47 -6.91
N LYS A 155 -5.44 22.13 -7.81
CA LYS A 155 -6.41 23.11 -8.29
C LYS A 155 -7.41 23.43 -7.17
N ASP A 156 -7.71 24.71 -6.98
CA ASP A 156 -8.66 25.13 -5.96
C ASP A 156 -9.94 24.29 -6.11
N SER A 157 -10.30 24.01 -7.35
CA SER A 157 -11.49 23.23 -7.68
C SER A 157 -11.45 21.81 -7.13
N GLU A 158 -10.26 21.31 -6.82
CA GLU A 158 -10.10 19.96 -6.30
C GLU A 158 -9.61 19.90 -4.86
N SER A 159 -10.01 20.89 -4.06
CA SER A 159 -9.62 20.98 -2.65
C SER A 159 -9.75 19.63 -1.95
N SER A 160 -10.96 19.08 -1.98
CA SER A 160 -11.26 17.81 -1.33
C SER A 160 -10.51 16.61 -1.88
N THR A 161 -10.37 16.53 -3.20
CA THR A 161 -9.67 15.41 -3.80
C THR A 161 -8.25 15.40 -3.24
N LEU A 162 -7.61 16.56 -3.24
CA LEU A 162 -6.25 16.67 -2.72
C LEU A 162 -6.22 16.29 -1.25
N SER A 163 -7.34 16.48 -0.58
CA SER A 163 -7.44 16.17 0.85
C SER A 163 -7.55 14.66 1.06
N MET A 164 -8.39 14.01 0.26
CA MET A 164 -8.58 12.57 0.32
C MET A 164 -7.29 11.84 -0.03
N PHE A 165 -6.67 12.26 -1.13
CA PHE A 165 -5.42 11.65 -1.55
C PHE A 165 -4.43 11.80 -0.40
N GLN A 166 -4.43 12.99 0.18
CA GLN A 166 -3.56 13.28 1.31
C GLN A 166 -3.85 12.32 2.46
N ASP A 167 -5.11 11.95 2.67
CA ASP A 167 -5.43 11.04 3.76
C ASP A 167 -4.86 9.65 3.51
N ALA A 168 -4.94 9.19 2.28
CA ALA A 168 -4.43 7.88 1.91
C ALA A 168 -2.92 7.76 2.14
N MET A 169 -2.18 8.84 1.88
CA MET A 169 -0.74 8.83 2.08
C MET A 169 -0.40 8.73 3.57
N ALA A 170 -1.14 9.46 4.39
CA ALA A 170 -0.88 9.42 5.82
C ALA A 170 -1.17 8.02 6.32
N SER A 171 -2.28 7.47 5.86
CA SER A 171 -2.71 6.14 6.23
C SER A 171 -1.70 5.08 5.79
N ASP A 172 -1.06 5.33 4.65
CA ASP A 172 -0.07 4.41 4.12
C ASP A 172 1.22 4.46 4.93
N SER A 173 1.62 5.65 5.36
CA SER A 173 2.83 5.82 6.15
C SER A 173 2.64 5.17 7.51
N ARG A 174 1.46 5.39 8.08
CA ARG A 174 1.07 4.85 9.38
C ARG A 174 1.15 3.32 9.42
N MET A 175 0.73 2.68 8.33
CA MET A 175 0.77 1.22 8.23
C MET A 175 2.18 0.69 8.46
N PHE A 176 3.18 1.44 8.01
CA PHE A 176 4.56 1.01 8.18
C PHE A 176 4.86 0.66 9.62
N LYS A 177 4.11 1.24 10.56
CA LYS A 177 4.31 0.95 11.97
C LYS A 177 3.96 -0.51 12.20
N LEU A 178 2.83 -0.94 11.64
CA LEU A 178 2.39 -2.32 11.77
C LEU A 178 3.47 -3.21 11.18
N VAL A 179 4.09 -2.75 10.11
CA VAL A 179 5.17 -3.48 9.46
C VAL A 179 6.28 -3.75 10.47
N LEU A 180 6.58 -2.74 11.29
CA LEU A 180 7.63 -2.85 12.28
C LEU A 180 7.22 -3.82 13.38
N GLN A 181 5.96 -3.71 13.84
CA GLN A 181 5.46 -4.59 14.89
C GLN A 181 5.49 -6.06 14.46
N GLU A 182 5.13 -6.29 13.20
CA GLU A 182 5.09 -7.63 12.64
C GLU A 182 6.47 -8.20 12.27
N ASN A 183 7.51 -7.36 12.27
CA ASN A 183 8.86 -7.84 11.90
C ASN A 183 9.99 -7.31 12.79
N LYS A 184 9.81 -7.41 14.11
CA LYS A 184 10.81 -6.93 15.05
C LYS A 184 12.16 -7.62 14.85
N ARG A 185 12.14 -8.92 14.60
CA ARG A 185 13.39 -9.67 14.41
C ARG A 185 14.29 -9.00 13.38
N VAL A 186 13.74 -8.13 12.56
CA VAL A 186 14.56 -7.45 11.56
C VAL A 186 15.44 -6.38 12.19
N PHE A 187 14.95 -5.74 13.25
CA PHE A 187 15.72 -4.69 13.91
C PHE A 187 16.25 -5.01 15.30
N GLU A 188 15.94 -6.19 15.81
CA GLU A 188 16.34 -6.59 17.17
C GLU A 188 17.80 -6.50 17.61
N GLY A 189 18.72 -7.07 16.85
CA GLY A 189 20.11 -7.04 17.25
C GLY A 189 20.88 -5.80 16.85
N LEU A 190 20.19 -4.81 16.31
CA LEU A 190 20.82 -3.59 15.86
C LEU A 190 21.05 -2.57 16.97
N GLU A 191 22.19 -1.90 16.91
CA GLU A 191 22.54 -0.85 17.88
C GLU A 191 22.28 0.50 17.23
N SER A 192 22.47 0.55 15.92
CA SER A 192 22.29 1.79 15.15
C SER A 192 21.65 1.53 13.80
N LEU A 193 21.03 2.56 13.26
CA LEU A 193 20.38 2.48 11.95
C LEU A 193 20.41 3.85 11.26
N VAL A 194 20.72 3.85 9.97
CA VAL A 194 20.73 5.11 9.21
C VAL A 194 19.59 5.07 8.20
N ASP A 195 18.69 6.04 8.34
CA ASP A 195 17.50 6.14 7.50
C ASP A 195 17.79 7.07 6.32
N VAL A 196 18.17 6.49 5.19
CA VAL A 196 18.51 7.28 4.02
C VAL A 196 17.32 7.98 3.40
N GLY A 197 17.44 9.28 3.22
CA GLY A 197 16.35 10.04 2.65
C GLY A 197 15.19 9.99 3.62
N GLY A 198 15.51 10.14 4.91
CA GLY A 198 14.50 10.11 5.95
C GLY A 198 13.80 11.44 6.17
N GLY A 199 13.99 12.37 5.23
CA GLY A 199 13.36 13.68 5.32
C GLY A 199 13.61 14.42 6.62
N THR A 200 12.53 14.69 7.36
CA THR A 200 12.63 15.39 8.63
C THR A 200 12.50 14.46 9.84
N GLY A 201 12.54 13.16 9.60
CA GLY A 201 12.45 12.23 10.71
C GLY A 201 11.11 11.55 10.98
N GLY A 202 10.17 11.67 10.05
CA GLY A 202 8.87 11.05 10.26
C GLY A 202 8.94 9.54 10.44
N VAL A 203 9.66 8.87 9.54
CA VAL A 203 9.79 7.42 9.60
C VAL A 203 10.59 6.98 10.82
N THR A 204 11.68 7.68 11.08
CA THR A 204 12.49 7.33 12.23
C THR A 204 11.72 7.48 13.53
N LYS A 205 10.76 8.40 13.58
CA LYS A 205 9.97 8.58 14.79
C LYS A 205 9.14 7.33 15.03
N LEU A 206 8.68 6.70 13.96
CA LEU A 206 7.89 5.48 14.08
C LEU A 206 8.82 4.38 14.57
N ILE A 207 10.00 4.28 13.98
CA ILE A 207 10.97 3.27 14.40
C ILE A 207 11.22 3.47 15.89
N HIS A 208 11.32 4.72 16.31
CA HIS A 208 11.56 5.03 17.71
C HIS A 208 10.39 4.70 18.62
N GLU A 209 9.24 4.41 18.03
CA GLU A 209 8.08 4.07 18.84
C GLU A 209 8.09 2.61 19.20
N ILE A 210 8.76 1.80 18.36
CA ILE A 210 8.85 0.37 18.60
C ILE A 210 10.22 -0.02 19.14
N PHE A 211 11.27 0.67 18.71
CA PHE A 211 12.62 0.37 19.18
C PHE A 211 13.29 1.60 19.80
N PRO A 212 12.74 2.08 20.92
CA PRO A 212 13.28 3.26 21.61
C PRO A 212 14.78 3.35 21.86
N HIS A 213 15.45 2.21 22.01
CA HIS A 213 16.89 2.20 22.27
C HIS A 213 17.77 2.18 21.03
N LEU A 214 17.16 2.07 19.86
CA LEU A 214 17.92 2.05 18.63
C LEU A 214 18.45 3.45 18.30
N LYS A 215 19.75 3.57 18.09
CA LYS A 215 20.32 4.86 17.75
C LYS A 215 20.11 5.06 16.24
N CYS A 216 19.24 5.99 15.88
CA CYS A 216 18.96 6.24 14.46
C CYS A 216 19.46 7.59 13.98
N THR A 217 19.94 7.64 12.74
CA THR A 217 20.37 8.91 12.19
C THR A 217 19.60 9.11 10.88
N VAL A 218 18.88 10.22 10.83
CA VAL A 218 18.10 10.57 9.65
C VAL A 218 19.06 11.25 8.70
N PHE A 219 19.26 10.65 7.52
CA PHE A 219 20.17 11.18 6.50
C PHE A 219 19.40 11.72 5.31
N ASP A 220 19.70 12.97 4.94
CA ASP A 220 19.04 13.58 3.81
C ASP A 220 19.87 14.75 3.30
N GLN A 221 19.34 15.50 2.35
CA GLN A 221 20.04 16.64 1.78
C GLN A 221 20.18 17.78 2.77
N PRO A 222 21.29 18.52 2.72
CA PRO A 222 21.52 19.63 3.63
C PRO A 222 20.31 20.54 3.83
N GLN A 223 19.67 20.95 2.75
CA GLN A 223 18.52 21.85 2.86
C GLN A 223 17.28 21.24 3.49
N VAL A 224 17.13 19.92 3.44
CA VAL A 224 15.94 19.31 4.03
C VAL A 224 16.14 19.07 5.51
N VAL A 225 17.32 18.64 5.89
CA VAL A 225 17.63 18.38 7.29
C VAL A 225 17.91 19.69 8.03
N GLY A 226 18.05 20.78 7.27
CA GLY A 226 18.32 22.07 7.86
C GLY A 226 19.40 21.93 8.92
N ASN A 227 19.02 22.16 10.17
CA ASN A 227 19.95 22.02 11.27
C ASN A 227 19.24 21.37 12.45
N LEU A 228 18.26 20.51 12.16
CA LEU A 228 17.49 19.81 13.19
C LEU A 228 18.47 19.14 14.15
N THR A 229 17.89 18.96 15.32
CA THR A 229 18.64 18.30 16.34
C THR A 229 17.94 17.24 17.17
N GLY A 230 18.66 17.03 18.28
CA GLY A 230 18.46 16.22 19.48
C GLY A 230 18.23 14.72 19.49
N ASN A 231 17.53 14.44 20.63
CA ASN A 231 17.05 13.13 21.05
C ASN A 231 18.20 12.06 21.07
N GLU A 232 19.19 12.14 22.02
CA GLU A 232 20.52 11.37 22.07
C GLU A 232 20.58 10.13 21.13
N ASN A 233 19.40 9.50 20.87
CA ASN A 233 19.25 8.29 19.97
C ASN A 233 18.70 8.71 18.60
N LEU A 234 18.80 10.01 18.33
CA LEU A 234 18.34 10.60 17.09
C LEU A 234 19.19 11.80 16.68
N ASN A 235 19.76 11.72 15.49
CA ASN A 235 20.55 12.83 15.00
C ASN A 235 20.31 13.00 13.52
N PHE A 236 20.49 14.22 13.03
CA PHE A 236 20.32 14.51 11.63
C PHE A 236 21.69 14.81 11.04
N VAL A 237 21.86 14.42 9.78
CA VAL A 237 23.09 14.61 9.05
C VAL A 237 22.75 14.95 7.61
N GLY A 238 23.32 16.04 7.11
CA GLY A 238 23.07 16.44 5.74
C GLY A 238 24.17 15.93 4.84
N GLY A 239 23.82 15.59 3.59
CA GLY A 239 24.81 15.09 2.65
C GLY A 239 24.22 14.62 1.34
N ASP A 240 25.00 13.87 0.57
CA ASP A 240 24.57 13.34 -0.71
C ASP A 240 24.78 11.83 -0.72
N MET A 241 23.68 11.07 -0.74
CA MET A 241 23.77 9.63 -0.70
C MET A 241 24.60 9.03 -1.82
N PHE A 242 24.78 9.78 -2.91
CA PHE A 242 25.59 9.28 -4.01
C PHE A 242 27.08 9.44 -3.73
N LYS A 243 27.42 10.21 -2.69
CA LYS A 243 28.83 10.38 -2.32
C LYS A 243 29.15 9.39 -1.20
N SER A 244 28.33 9.38 -0.16
CA SER A 244 28.53 8.46 0.96
C SER A 244 27.32 8.47 1.88
N ILE A 245 27.22 7.45 2.71
CA ILE A 245 26.12 7.35 3.64
C ILE A 245 26.70 7.15 5.02
N PRO A 246 26.15 7.85 6.02
CA PRO A 246 26.67 7.71 7.39
C PRO A 246 26.74 6.22 7.75
N SER A 247 27.78 5.84 8.48
CA SER A 247 27.95 4.44 8.87
C SER A 247 27.05 4.08 10.04
N ALA A 248 26.57 2.84 10.06
CA ALA A 248 25.69 2.34 11.11
C ALA A 248 25.55 0.83 11.00
N ASP A 249 24.87 0.19 11.95
CA ASP A 249 24.73 -1.26 11.86
C ASP A 249 23.93 -1.65 10.63
N ALA A 250 22.96 -0.81 10.27
CA ALA A 250 22.15 -1.12 9.11
C ALA A 250 21.75 0.14 8.37
N VAL A 251 21.51 0.00 7.07
CA VAL A 251 21.06 1.12 6.25
C VAL A 251 19.60 0.85 5.87
N LEU A 252 18.73 1.82 6.11
CA LEU A 252 17.33 1.67 5.73
C LEU A 252 17.14 2.42 4.43
N LEU A 253 16.54 1.77 3.44
CA LEU A 253 16.25 2.41 2.16
C LEU A 253 14.74 2.20 1.94
N LYS A 254 13.93 3.09 2.50
CA LYS A 254 12.48 2.97 2.37
C LYS A 254 11.95 3.89 1.29
N TRP A 255 11.50 3.28 0.19
CA TRP A 255 10.96 4.00 -0.96
C TRP A 255 11.97 4.96 -1.58
N VAL A 256 13.21 4.53 -1.73
CA VAL A 256 14.20 5.40 -2.36
C VAL A 256 14.59 4.83 -3.72
N LEU A 257 15.01 3.56 -3.75
CA LEU A 257 15.44 2.94 -5.00
C LEU A 257 14.31 2.94 -6.03
N HIS A 258 12.99 3.17 -5.47
CA HIS A 258 11.93 3.19 -6.45
C HIS A 258 12.07 4.32 -7.48
N ASP A 259 12.58 5.47 -7.04
CA ASP A 259 12.66 6.67 -7.88
C ASP A 259 13.92 6.74 -8.74
N TRP A 260 14.83 5.80 -8.57
CA TRP A 260 16.06 5.85 -9.34
C TRP A 260 16.25 4.71 -10.31
N ASN A 261 16.91 4.99 -11.43
CA ASN A 261 17.17 3.97 -12.42
C ASN A 261 18.22 3.05 -11.81
N ASP A 262 18.54 1.96 -12.51
CA ASP A 262 19.50 1.00 -12.00
C ASP A 262 20.87 1.60 -11.73
N GLU A 263 21.39 2.40 -12.66
CA GLU A 263 22.70 2.99 -12.49
C GLU A 263 22.80 3.80 -11.20
N GLN A 264 21.78 4.59 -10.91
CA GLN A 264 21.78 5.41 -9.71
C GLN A 264 21.51 4.56 -8.47
N SER A 265 20.65 3.56 -8.61
CA SER A 265 20.32 2.68 -7.50
C SER A 265 21.51 1.84 -7.09
N LEU A 266 22.29 1.38 -8.06
CA LEU A 266 23.47 0.57 -7.80
C LEU A 266 24.51 1.36 -7.00
N LYS A 267 24.69 2.62 -7.36
CA LYS A 267 25.64 3.48 -6.68
C LYS A 267 25.18 3.65 -5.23
N ILE A 268 23.88 3.82 -5.03
CA ILE A 268 23.33 3.99 -3.69
C ILE A 268 23.51 2.73 -2.86
N LEU A 269 23.36 1.57 -3.50
CA LEU A 269 23.51 0.32 -2.79
C LEU A 269 24.96 0.09 -2.44
N LYS A 270 25.85 0.50 -3.33
CA LYS A 270 27.27 0.34 -3.07
C LYS A 270 27.70 1.20 -1.89
N ASN A 271 27.19 2.43 -1.83
CA ASN A 271 27.52 3.31 -0.72
C ASN A 271 26.91 2.74 0.56
N SER A 272 25.82 1.99 0.42
CA SER A 272 25.16 1.39 1.57
C SER A 272 25.99 0.24 2.14
N LYS A 273 26.65 -0.50 1.26
CA LYS A 273 27.48 -1.62 1.69
C LYS A 273 28.72 -1.08 2.40
N GLU A 274 29.12 0.14 2.08
CA GLU A 274 30.28 0.77 2.70
C GLU A 274 29.93 1.29 4.08
N ALA A 275 28.73 1.84 4.22
CA ALA A 275 28.30 2.37 5.50
C ALA A 275 28.21 1.31 6.60
N ILE A 276 28.06 0.05 6.20
CA ILE A 276 27.98 -1.03 7.17
C ILE A 276 29.25 -1.88 7.20
N SER A 277 30.20 -1.55 6.33
CA SER A 277 31.45 -2.30 6.23
C SER A 277 32.14 -2.60 7.57
N HIS A 278 32.31 -1.57 8.38
CA HIS A 278 32.96 -1.72 9.68
C HIS A 278 32.32 -2.79 10.54
N LYS A 279 31.01 -2.98 10.38
CA LYS A 279 30.29 -3.98 11.16
C LYS A 279 30.48 -5.40 10.61
N GLY A 280 31.16 -5.51 9.46
CA GLY A 280 31.41 -6.80 8.86
C GLY A 280 30.17 -7.57 8.45
N LYS A 281 30.30 -8.89 8.42
CA LYS A 281 29.22 -9.79 8.04
C LYS A 281 28.01 -9.70 8.98
N ASP A 282 28.06 -8.76 9.91
CA ASP A 282 26.96 -8.54 10.85
C ASP A 282 25.97 -7.51 10.30
N GLY A 283 26.48 -6.50 9.63
CA GLY A 283 25.63 -5.47 9.06
C GLY A 283 24.62 -5.97 8.05
N LYS A 284 23.72 -5.08 7.64
CA LYS A 284 22.68 -5.40 6.66
C LYS A 284 22.09 -4.12 6.10
N VAL A 285 21.46 -4.22 4.94
CA VAL A 285 20.81 -3.09 4.30
C VAL A 285 19.35 -3.52 4.19
N ILE A 286 18.44 -2.61 4.50
CA ILE A 286 17.02 -2.92 4.46
C ILE A 286 16.30 -2.11 3.38
N ILE A 287 15.84 -2.81 2.35
CA ILE A 287 15.15 -2.20 1.24
C ILE A 287 13.65 -2.44 1.35
N ILE A 288 12.89 -1.36 1.44
CA ILE A 288 11.45 -1.47 1.50
C ILE A 288 10.88 -0.91 0.21
N ASP A 289 10.43 -1.81 -0.66
CA ASP A 289 9.87 -1.42 -1.95
C ASP A 289 9.14 -2.61 -2.57
N ILE A 290 8.45 -2.40 -3.67
CA ILE A 290 7.73 -3.51 -4.26
C ILE A 290 8.66 -4.49 -4.99
N SER A 291 8.34 -5.78 -4.87
CA SER A 291 9.10 -6.82 -5.56
C SER A 291 8.09 -7.77 -6.18
N ILE A 292 8.06 -7.80 -7.50
CA ILE A 292 7.14 -8.67 -8.23
C ILE A 292 7.80 -10.00 -8.56
N ASP A 293 7.27 -11.08 -8.00
CA ASP A 293 7.82 -12.41 -8.24
C ASP A 293 6.97 -13.19 -9.23
N GLU A 294 7.32 -13.11 -10.51
CA GLU A 294 6.54 -13.77 -11.53
C GLU A 294 6.48 -15.28 -11.36
N THR A 295 7.54 -15.87 -10.82
CA THR A 295 7.59 -17.32 -10.62
C THR A 295 6.93 -17.77 -9.33
N SER A 296 6.42 -16.82 -8.55
CA SER A 296 5.76 -17.17 -7.30
C SER A 296 4.57 -18.09 -7.57
N ASP A 297 4.28 -18.98 -6.63
CA ASP A 297 3.17 -19.91 -6.78
C ASP A 297 1.86 -19.20 -6.47
N ASP A 298 1.96 -18.09 -5.75
CA ASP A 298 0.77 -17.30 -5.42
C ASP A 298 0.58 -16.38 -6.63
N ARG A 299 -0.08 -16.89 -7.66
CA ARG A 299 -0.35 -16.17 -8.90
C ARG A 299 -1.16 -14.91 -8.64
N GLY A 300 -2.08 -15.00 -7.68
CA GLY A 300 -2.93 -13.86 -7.34
C GLY A 300 -2.18 -12.70 -6.72
N LEU A 301 -1.10 -13.00 -5.99
CA LEU A 301 -0.31 -11.95 -5.36
C LEU A 301 0.45 -11.22 -6.45
N THR A 302 0.95 -11.97 -7.42
CA THR A 302 1.70 -11.41 -8.54
C THR A 302 0.78 -10.56 -9.41
N GLU A 303 -0.47 -10.99 -9.58
CA GLU A 303 -1.42 -10.23 -10.40
C GLU A 303 -1.70 -8.90 -9.73
N LEU A 304 -1.91 -8.94 -8.42
CA LEU A 304 -2.16 -7.73 -7.66
C LEU A 304 -0.96 -6.80 -7.80
N GLN A 305 0.25 -7.33 -7.61
CA GLN A 305 1.45 -6.51 -7.74
C GLN A 305 1.56 -5.90 -9.14
N LEU A 306 1.31 -6.72 -10.16
CA LEU A 306 1.37 -6.23 -11.53
C LEU A 306 0.25 -5.21 -11.77
N ASP A 307 -0.89 -5.38 -11.08
CA ASP A 307 -1.99 -4.44 -11.23
C ASP A 307 -1.58 -3.09 -10.67
N TYR A 308 -0.96 -3.10 -9.51
CA TYR A 308 -0.52 -1.85 -8.89
C TYR A 308 0.51 -1.18 -9.79
N ASP A 309 1.41 -1.99 -10.31
CA ASP A 309 2.45 -1.54 -11.21
C ASP A 309 1.82 -0.86 -12.44
N LEU A 310 0.66 -1.33 -12.88
CA LEU A 310 0.01 -0.73 -14.03
C LEU A 310 -0.64 0.60 -13.64
N VAL A 311 -0.96 0.76 -12.36
CA VAL A 311 -1.57 2.00 -11.94
C VAL A 311 -0.45 3.02 -11.88
N MET A 312 0.72 2.58 -11.43
CA MET A 312 1.88 3.47 -11.33
C MET A 312 2.27 3.95 -12.73
N LEU A 313 2.04 3.09 -13.72
CA LEU A 313 2.36 3.40 -15.10
C LEU A 313 1.41 4.43 -15.70
N THR A 314 0.12 4.17 -15.58
CA THR A 314 -0.87 5.07 -16.15
C THR A 314 -1.07 6.39 -15.42
N MET A 315 -0.69 6.46 -14.15
CA MET A 315 -0.86 7.68 -13.36
C MET A 315 0.39 8.55 -13.29
N PHE A 316 1.55 7.90 -13.16
CA PHE A 316 2.82 8.60 -13.01
C PHE A 316 3.88 8.16 -14.02
N LEU A 317 3.57 7.08 -14.75
CA LEU A 317 4.52 6.55 -15.72
C LEU A 317 5.67 5.95 -14.91
N GLY A 318 5.40 5.57 -13.67
CA GLY A 318 6.42 4.99 -12.82
C GLY A 318 6.52 3.48 -12.99
N LYS A 319 7.47 2.85 -12.31
CA LYS A 319 7.64 1.41 -12.42
C LYS A 319 8.04 0.73 -11.12
N GLU A 320 7.78 -0.56 -11.03
CA GLU A 320 8.16 -1.32 -9.86
C GLU A 320 9.08 -2.41 -10.38
N ARG A 321 9.96 -2.90 -9.53
CA ARG A 321 10.90 -3.92 -9.94
C ARG A 321 10.46 -5.34 -9.63
N THR A 322 10.96 -6.28 -10.43
CA THR A 322 10.69 -7.69 -10.24
C THR A 322 11.76 -8.24 -9.30
N LYS A 323 11.59 -9.48 -8.84
CA LYS A 323 12.55 -10.08 -7.95
C LYS A 323 13.91 -10.23 -8.65
N GLN A 324 13.90 -10.54 -9.94
CA GLN A 324 15.16 -10.71 -10.68
C GLN A 324 15.91 -9.39 -10.77
N GLU A 325 15.20 -8.33 -11.15
CA GLU A 325 15.82 -7.01 -11.23
C GLU A 325 16.47 -6.69 -9.90
N TRP A 326 15.73 -6.90 -8.81
CA TRP A 326 16.26 -6.63 -7.47
C TRP A 326 17.51 -7.48 -7.20
N GLU A 327 17.46 -8.74 -7.63
CA GLU A 327 18.59 -9.63 -7.42
C GLU A 327 19.83 -9.12 -8.15
N LYS A 328 19.64 -8.58 -9.35
CA LYS A 328 20.77 -8.10 -10.12
C LYS A 328 21.44 -6.96 -9.39
N LEU A 329 20.65 -6.00 -8.93
CA LEU A 329 21.20 -4.87 -8.20
C LEU A 329 21.98 -5.37 -6.99
N ILE A 330 21.31 -6.13 -6.13
CA ILE A 330 21.93 -6.64 -4.93
C ILE A 330 23.27 -7.35 -5.16
N TYR A 331 23.29 -8.35 -6.03
CA TYR A 331 24.55 -9.05 -6.29
C TYR A 331 25.54 -8.15 -7.03
N ASP A 332 25.05 -7.34 -7.96
CA ASP A 332 25.95 -6.43 -8.69
C ASP A 332 26.61 -5.47 -7.72
N ALA A 333 25.89 -5.14 -6.65
CA ALA A 333 26.39 -4.23 -5.63
C ALA A 333 27.47 -4.90 -4.78
N GLY A 334 27.53 -6.22 -4.82
CA GLY A 334 28.55 -6.93 -4.06
C GLY A 334 28.07 -7.65 -2.83
N PHE A 335 26.76 -7.76 -2.65
CA PHE A 335 26.21 -8.46 -1.51
C PHE A 335 26.23 -9.97 -1.73
N SER A 336 26.11 -10.74 -0.65
CA SER A 336 26.17 -12.18 -0.74
C SER A 336 24.81 -12.86 -0.79
N SER A 337 23.90 -12.42 0.05
CA SER A 337 22.58 -13.01 0.06
C SER A 337 21.52 -11.99 0.41
N TYR A 338 20.27 -12.41 0.39
CA TYR A 338 19.20 -11.50 0.71
C TYR A 338 17.96 -12.32 0.99
N LYS A 339 16.98 -11.69 1.64
CA LYS A 339 15.74 -12.36 1.94
C LYS A 339 14.61 -11.37 1.75
N ILE A 340 13.49 -11.85 1.24
CA ILE A 340 12.34 -10.99 1.02
C ILE A 340 11.20 -11.40 1.93
N THR A 341 10.60 -10.42 2.59
CA THR A 341 9.48 -10.69 3.48
C THR A 341 8.29 -9.86 2.97
N PRO A 342 7.19 -10.54 2.62
CA PRO A 342 6.02 -9.80 2.12
C PRO A 342 5.46 -8.94 3.25
N ILE A 343 5.00 -7.74 2.90
CA ILE A 343 4.44 -6.81 3.88
C ILE A 343 3.28 -6.03 3.30
N SER A 344 2.38 -5.55 4.16
CA SER A 344 1.24 -4.75 3.75
C SER A 344 0.55 -5.22 2.47
N GLY A 345 0.08 -6.46 2.46
CA GLY A 345 -0.62 -6.99 1.30
C GLY A 345 0.24 -7.41 0.12
N PHE A 346 0.92 -6.46 -0.54
CA PHE A 346 1.73 -6.80 -1.69
C PHE A 346 3.08 -6.13 -1.79
N LYS A 347 3.50 -5.41 -0.74
CA LYS A 347 4.81 -4.73 -0.75
C LYS A 347 5.87 -5.71 -0.24
N SER A 348 7.12 -5.28 -0.19
CA SER A 348 8.18 -6.16 0.28
C SER A 348 9.23 -5.48 1.15
N LEU A 349 9.79 -6.24 2.08
CA LEU A 349 10.85 -5.75 2.95
C LEU A 349 11.99 -6.68 2.58
N ILE A 350 13.07 -6.12 2.08
CA ILE A 350 14.21 -6.92 1.66
C ILE A 350 15.45 -6.74 2.52
N GLU A 351 15.87 -7.82 3.19
CA GLU A 351 17.07 -7.78 4.02
C GLU A 351 18.23 -8.21 3.13
N VAL A 352 19.20 -7.33 2.97
CA VAL A 352 20.38 -7.59 2.12
C VAL A 352 21.66 -7.79 2.95
N TYR A 353 22.38 -8.89 2.70
CA TYR A 353 23.59 -9.21 3.45
C TYR A 353 24.90 -9.15 2.67
N PRO A 354 25.91 -8.50 3.25
CA PRO A 354 27.22 -8.41 2.58
C PRO A 354 27.89 -9.77 2.56
#